data_3R6T
#
_entry.id   3R6T
#
_cell.length_a   50.898
_cell.length_b   55.991
_cell.length_c   77.936
_cell.angle_alpha   90.00
_cell.angle_beta   90.00
_cell.angle_gamma   90.00
#
_symmetry.space_group_name_H-M   'P 21 21 21'
#
loop_
_entity.id
_entity.type
_entity.pdbx_description
1 polymer 'Catechol O-methyltransferase'
2 non-polymer 'MAGNESIUM ION'
3 non-polymer 'CHLORIDE ION'
4 non-polymer 'SULFATE ION'
5 non-polymer "4'-fluoro-4,5-dihydroxy-N-{(2E)-3-[(2S,4R,5R)-4-hydroxy-5-(6-methyl-9H-purin-9-yl)tetrahydrofuran-2-yl]prop-2-en-1-yl}biphenyl-3-carboxamide"
6 non-polymer 'DITHIANE DIOL'
7 non-polymer '2-[N-CYCLOHEXYLAMINO]ETHANE SULFONIC ACID'
8 water water
#
_entity_poly.entity_id   1
_entity_poly.type   'polypeptide(L)'
_entity_poly.pdbx_seq_one_letter_code
;MGDTKEQRILRYVQQNAKPGDPQSVLEAIDTYCTQKEWAMNVGDAKGQIMDAVIREYSPSLVLELGAYCGYSAVRMARLL
QPGARLLTMEINPDCAAITQQMLNFAGLQDKVTILNGASQDLIPQLKKKYDVDTLDMVFLDHWKDRYLPDTLLLEKCGLL
RKGTVLLADNVIVPGTPDFLAYVRGSSSFECTHYSSYLEYMKVVDGLEKAIYQGPSSPDKS
;
_entity_poly.pdbx_strand_id   A
#
loop_
_chem_comp.id
_chem_comp.type
_chem_comp.name
_chem_comp.formula
CL non-polymer 'CHLORIDE ION' 'Cl -1'
DTD non-polymer 'DITHIANE DIOL' 'C4 H8 O2 S2'
LU1 non-polymer 4'-fluoro-4,5-dihydroxy-N-{(2E)-3-[(2S,4R,5R)-4-hydroxy-5-(6-methyl-9H-purin-9-yl)tetrahydrofuran-2-yl]prop-2-en-1-yl}biphenyl-3-carboxamide 'C26 H24 F N5 O5'
MG non-polymer 'MAGNESIUM ION' 'Mg 2'
NHE non-polymer '2-[N-CYCLOHEXYLAMINO]ETHANE SULFONIC ACID' 'C8 H17 N O3 S'
SO4 non-polymer 'SULFATE ION' 'O4 S -2'
#
# COMPACT_ATOMS: atom_id res chain seq x y z
N ASP A 3 -3.65 -23.04 11.34
CA ASP A 3 -3.11 -21.82 10.65
C ASP A 3 -4.16 -20.95 9.97
N THR A 4 -3.74 -19.81 9.49
CA THR A 4 -4.61 -18.83 8.90
C THR A 4 -4.37 -18.77 7.40
N LYS A 5 -5.31 -18.13 6.75
CA LYS A 5 -5.16 -17.92 5.30
C LYS A 5 -3.87 -17.13 4.98
N GLU A 6 -3.55 -16.13 5.82
CA GLU A 6 -2.38 -15.30 5.60
C GLU A 6 -1.12 -16.17 5.67
N GLN A 7 -1.04 -17.03 6.70
CA GLN A 7 0.10 -17.93 6.81
C GLN A 7 0.17 -18.88 5.61
N ARG A 8 -0.99 -19.38 5.15
CA ARG A 8 -1.03 -20.27 4.00
C ARG A 8 -0.48 -19.57 2.75
N ILE A 9 -0.79 -18.28 2.56
CA ILE A 9 -0.24 -17.54 1.41
C ILE A 9 1.30 -17.48 1.54
N LEU A 10 1.82 -17.10 2.70
CA LEU A 10 3.26 -17.04 2.89
C LEU A 10 3.90 -18.40 2.61
N ARG A 11 3.29 -19.46 3.09
N ARG A 11 3.30 -19.47 3.09
CA ARG A 11 3.88 -20.79 2.91
CA ARG A 11 3.91 -20.79 2.89
C ARG A 11 3.91 -21.12 1.42
C ARG A 11 3.93 -21.13 1.40
N TYR A 12 2.85 -20.81 0.68
CA TYR A 12 2.82 -21.09 -0.73
C TYR A 12 3.94 -20.36 -1.45
N VAL A 13 4.17 -19.11 -1.09
CA VAL A 13 5.30 -18.35 -1.64
C VAL A 13 6.60 -19.05 -1.33
N GLN A 14 6.80 -19.44 -0.09
CA GLN A 14 8.05 -20.12 0.31
C GLN A 14 8.25 -21.41 -0.41
N GLN A 15 7.16 -22.11 -0.75
N GLN A 15 7.18 -22.10 -0.74
CA GLN A 15 7.17 -23.38 -1.53
CA GLN A 15 7.30 -23.40 -1.32
C GLN A 15 7.13 -23.26 -3.07
C GLN A 15 7.69 -23.28 -2.71
N ASN A 16 7.06 -22.05 -3.58
N ASN A 16 7.24 -22.18 -3.33
CA ASN A 16 6.77 -21.87 -5.01
CA ASN A 16 7.31 -22.06 -4.74
C ASN A 16 7.50 -20.72 -5.70
C ASN A 16 8.13 -20.97 -5.38
N ALA A 17 8.01 -19.74 -4.94
CA ALA A 17 8.70 -18.58 -5.52
C ALA A 17 10.22 -18.71 -5.38
N LYS A 18 10.92 -17.82 -6.03
CA LYS A 18 12.37 -17.73 -5.97
C LYS A 18 12.82 -16.62 -5.01
N PRO A 19 13.60 -16.97 -3.97
CA PRO A 19 14.12 -15.90 -3.11
C PRO A 19 14.86 -14.84 -3.85
N GLY A 20 14.62 -13.59 -3.50
CA GLY A 20 15.29 -12.46 -4.16
C GLY A 20 14.66 -12.01 -5.46
N ASP A 21 13.54 -12.61 -5.83
CA ASP A 21 12.83 -12.34 -7.10
C ASP A 21 11.45 -11.81 -6.78
N PRO A 22 11.30 -10.48 -6.70
CA PRO A 22 9.99 -9.93 -6.33
C PRO A 22 8.87 -10.34 -7.25
N GLN A 23 9.11 -10.36 -8.56
CA GLN A 23 8.06 -10.75 -9.50
CA GLN A 23 8.07 -10.76 -9.51
C GLN A 23 7.57 -12.19 -9.25
N SER A 24 8.47 -13.08 -8.92
CA SER A 24 8.02 -14.42 -8.67
CA SER A 24 8.15 -14.47 -8.58
C SER A 24 7.19 -14.50 -7.39
N VAL A 25 7.46 -13.65 -6.38
CA VAL A 25 6.65 -13.57 -5.19
C VAL A 25 5.26 -13.08 -5.52
N LEU A 26 5.16 -11.98 -6.31
CA LEU A 26 3.83 -11.46 -6.70
C LEU A 26 3.03 -12.50 -7.45
N GLU A 27 3.69 -13.18 -8.41
CA GLU A 27 2.98 -14.16 -9.22
C GLU A 27 2.46 -15.34 -8.38
N ALA A 28 3.28 -15.78 -7.40
CA ALA A 28 2.87 -16.86 -6.56
C ALA A 28 1.66 -16.45 -5.71
N ILE A 29 1.66 -15.24 -5.16
CA ILE A 29 0.53 -14.78 -4.38
C ILE A 29 -0.73 -14.76 -5.26
N ASP A 30 -0.60 -14.16 -6.46
CA ASP A 30 -1.77 -14.07 -7.33
C ASP A 30 -2.30 -15.43 -7.74
N THR A 31 -1.41 -16.38 -7.99
CA THR A 31 -1.84 -17.72 -8.35
C THR A 31 -2.57 -18.37 -7.17
N TYR A 32 -1.99 -18.29 -5.98
CA TYR A 32 -2.67 -18.85 -4.82
C TYR A 32 -4.06 -18.26 -4.59
N CYS A 33 -4.19 -16.95 -4.73
CA CYS A 33 -5.42 -16.27 -4.44
C CYS A 33 -6.46 -16.43 -5.54
N THR A 34 -6.02 -16.79 -6.73
CA THR A 34 -6.91 -17.12 -7.83
C THR A 34 -7.38 -18.58 -7.80
N GLN A 35 -6.46 -19.49 -7.47
CA GLN A 35 -6.73 -20.92 -7.56
C GLN A 35 -7.19 -21.55 -6.28
N LYS A 36 -6.81 -21.02 -5.13
CA LYS A 36 -6.99 -21.67 -3.84
C LYS A 36 -7.93 -20.88 -2.92
N GLU A 37 -7.58 -19.67 -2.52
CA GLU A 37 -8.34 -18.89 -1.57
C GLU A 37 -8.18 -17.40 -1.88
N TRP A 38 -9.30 -16.71 -2.13
CA TRP A 38 -9.28 -15.26 -2.32
C TRP A 38 -8.69 -14.57 -1.10
N ALA A 39 -7.97 -13.50 -1.30
CA ALA A 39 -7.54 -12.64 -0.22
C ALA A 39 -7.47 -11.21 -0.75
N MET A 40 -7.53 -10.26 0.20
CA MET A 40 -7.65 -8.82 -0.10
CA MET A 40 -7.64 -8.83 -0.11
C MET A 40 -6.30 -8.16 -0.41
N ASN A 41 -5.46 -8.83 -1.21
CA ASN A 41 -4.29 -8.16 -1.77
C ASN A 41 -4.75 -7.21 -2.87
N VAL A 42 -3.97 -6.17 -3.19
CA VAL A 42 -4.48 -5.22 -4.18
CA VAL A 42 -4.45 -5.21 -4.19
C VAL A 42 -4.64 -5.92 -5.54
N GLY A 43 -3.85 -6.94 -5.82
CA GLY A 43 -4.04 -7.74 -7.01
C GLY A 43 -3.29 -7.18 -8.22
N ASP A 44 -3.31 -7.96 -9.30
CA ASP A 44 -2.54 -7.61 -10.48
C ASP A 44 -3.20 -6.48 -11.27
N ALA A 45 -4.54 -6.39 -11.34
CA ALA A 45 -5.21 -5.41 -12.16
C ALA A 45 -4.91 -4.02 -11.61
N LYS A 46 -5.25 -3.78 -10.36
CA LYS A 46 -4.97 -2.51 -9.74
C LYS A 46 -3.49 -2.36 -9.54
N GLY A 47 -2.75 -3.47 -9.32
CA GLY A 47 -1.31 -3.42 -9.15
C GLY A 47 -0.58 -2.85 -10.34
N GLN A 48 -1.02 -3.14 -11.56
CA GLN A 48 -0.39 -2.55 -12.73
C GLN A 48 -0.58 -1.04 -12.76
N ILE A 49 -1.70 -0.54 -12.28
CA ILE A 49 -1.94 0.88 -12.20
C ILE A 49 -1.03 1.52 -11.17
N MET A 50 -0.93 0.87 -9.99
CA MET A 50 -0.02 1.29 -8.97
CA MET A 50 0.01 1.30 -8.97
C MET A 50 1.41 1.39 -9.56
N ASP A 51 1.84 0.37 -10.27
CA ASP A 51 3.19 0.36 -10.83
C ASP A 51 3.40 1.59 -11.75
N ALA A 52 2.43 1.90 -12.59
CA ALA A 52 2.53 3.01 -13.52
C ALA A 52 2.58 4.35 -12.76
N VAL A 53 1.83 4.49 -11.68
CA VAL A 53 1.84 5.69 -10.87
C VAL A 53 3.18 5.85 -10.12
N ILE A 54 3.71 4.78 -9.53
CA ILE A 54 4.97 4.85 -8.81
C ILE A 54 6.09 5.21 -9.77
N ARG A 55 6.07 4.63 -10.96
CA ARG A 55 7.11 4.96 -11.96
CA ARG A 55 7.11 4.96 -11.94
C ARG A 55 6.99 6.38 -12.40
N GLU A 56 5.77 6.92 -12.54
CA GLU A 56 5.59 8.27 -12.98
C GLU A 56 6.18 9.28 -11.98
N TYR A 57 5.97 9.03 -10.66
CA TYR A 57 6.30 10.01 -9.66
C TYR A 57 7.65 9.80 -9.06
N SER A 58 8.22 8.58 -9.12
CA SER A 58 9.51 8.27 -8.54
CA SER A 58 9.53 8.28 -8.55
C SER A 58 9.68 8.84 -7.13
N PRO A 59 8.79 8.42 -6.21
CA PRO A 59 8.86 8.95 -4.85
C PRO A 59 10.08 8.48 -4.10
N SER A 60 10.68 9.36 -3.29
CA SER A 60 11.78 8.99 -2.43
C SER A 60 11.33 8.40 -1.10
N LEU A 61 10.16 8.79 -0.60
CA LEU A 61 9.63 8.28 0.67
C LEU A 61 8.15 8.04 0.50
N VAL A 62 7.73 6.79 0.65
CA VAL A 62 6.36 6.33 0.54
C VAL A 62 5.94 5.82 1.92
N LEU A 63 4.69 6.13 2.30
CA LEU A 63 3.99 5.56 3.46
C LEU A 63 2.85 4.68 2.98
N GLU A 64 2.77 3.45 3.45
CA GLU A 64 1.67 2.57 3.22
C GLU A 64 0.89 2.39 4.53
N LEU A 65 -0.43 2.55 4.45
CA LEU A 65 -1.32 2.28 5.59
C LEU A 65 -2.03 0.97 5.31
N GLY A 66 -1.68 -0.06 6.10
N GLY A 66 -1.69 -0.04 6.11
CA GLY A 66 -2.30 -1.40 5.98
CA GLY A 66 -2.23 -1.38 5.97
C GLY A 66 -1.54 -2.40 5.11
C GLY A 66 -1.28 -2.13 5.07
N ALA A 67 -0.54 -3.02 5.64
CA ALA A 67 0.33 -3.93 4.84
C ALA A 67 -0.37 -5.23 4.44
N TYR A 68 -1.12 -5.79 5.37
CA TYR A 68 -1.74 -7.09 5.18
C TYR A 68 -0.66 -8.16 5.08
N CYS A 69 -0.48 -8.81 3.92
CA CYS A 69 0.53 -9.82 3.73
C CYS A 69 1.76 -9.31 3.01
N GLY A 70 1.82 -8.04 2.67
CA GLY A 70 2.98 -7.43 2.05
C GLY A 70 2.95 -7.43 0.56
N TYR A 71 1.84 -7.80 -0.09
CA TYR A 71 1.81 -7.84 -1.55
C TYR A 71 2.08 -6.43 -2.13
N SER A 72 1.36 -5.43 -1.68
CA SER A 72 1.55 -4.07 -2.18
CA SER A 72 1.56 -4.08 -2.20
C SER A 72 2.91 -3.53 -1.81
N ALA A 73 3.43 -3.89 -0.62
CA ALA A 73 4.75 -3.46 -0.25
C ALA A 73 5.81 -4.05 -1.17
N VAL A 74 5.69 -5.30 -1.56
CA VAL A 74 6.58 -5.88 -2.57
C VAL A 74 6.40 -5.16 -3.89
N ARG A 75 5.15 -4.91 -4.32
CA ARG A 75 4.90 -4.25 -5.55
CA ARG A 75 4.93 -4.21 -5.61
C ARG A 75 5.63 -2.88 -5.62
N MET A 76 5.43 -2.08 -4.58
CA MET A 76 5.97 -0.74 -4.57
C MET A 76 7.49 -0.75 -4.38
N ALA A 77 7.98 -1.54 -3.41
CA ALA A 77 9.39 -1.50 -3.09
C ALA A 77 10.24 -1.93 -4.28
N ARG A 78 9.77 -2.87 -5.09
CA ARG A 78 10.55 -3.34 -6.21
C ARG A 78 10.73 -2.26 -7.29
N LEU A 79 9.93 -1.20 -7.30
CA LEU A 79 9.99 -0.15 -8.28
C LEU A 79 10.63 1.12 -7.73
N LEU A 80 11.00 1.18 -6.45
CA LEU A 80 11.62 2.34 -5.91
C LEU A 80 13.02 2.53 -6.50
N GLN A 81 13.42 3.78 -6.71
CA GLN A 81 14.77 4.08 -7.17
CA GLN A 81 14.76 4.13 -7.18
C GLN A 81 15.75 3.79 -6.06
N PRO A 82 17.03 3.56 -6.40
CA PRO A 82 17.99 3.27 -5.33
C PRO A 82 17.99 4.40 -4.26
N GLY A 83 18.07 4.02 -2.98
CA GLY A 83 18.03 4.98 -1.90
C GLY A 83 16.62 5.39 -1.45
N ALA A 84 15.61 5.17 -2.28
CA ALA A 84 14.24 5.50 -1.87
C ALA A 84 13.73 4.45 -0.91
N ARG A 85 12.71 4.81 -0.13
CA ARG A 85 12.29 3.99 0.98
C ARG A 85 10.78 3.94 1.12
N LEU A 86 10.30 2.82 1.67
CA LEU A 86 8.90 2.62 2.06
C LEU A 86 8.77 2.36 3.54
N LEU A 87 7.81 3.03 4.18
CA LEU A 87 7.37 2.77 5.54
C LEU A 87 5.99 2.16 5.40
N THR A 88 5.72 1.04 6.07
CA THR A 88 4.40 0.43 6.02
CA THR A 88 4.43 0.39 6.04
C THR A 88 3.92 0.17 7.42
N MET A 89 2.67 0.52 7.70
CA MET A 89 2.08 0.41 9.03
C MET A 89 1.05 -0.70 9.03
N GLU A 90 1.14 -1.60 10.02
CA GLU A 90 0.27 -2.76 10.10
C GLU A 90 -0.03 -3.04 11.58
N ILE A 91 -1.31 -2.97 11.90
CA ILE A 91 -1.80 -3.10 13.28
C ILE A 91 -1.78 -4.51 13.76
N ASN A 92 -1.97 -5.48 12.91
CA ASN A 92 -2.07 -6.87 13.33
C ASN A 92 -0.70 -7.48 13.38
N PRO A 93 -0.25 -7.93 14.58
CA PRO A 93 1.13 -8.37 14.71
C PRO A 93 1.46 -9.56 13.79
N ASP A 94 0.50 -10.48 13.64
CA ASP A 94 0.69 -11.61 12.74
C ASP A 94 0.94 -11.18 11.32
N CYS A 95 0.14 -10.25 10.86
CA CYS A 95 0.31 -9.69 9.50
C CYS A 95 1.59 -8.91 9.39
N ALA A 96 2.01 -8.19 10.45
CA ALA A 96 3.26 -7.45 10.36
C ALA A 96 4.40 -8.42 10.16
N ALA A 97 4.43 -9.52 10.88
CA ALA A 97 5.46 -10.53 10.74
C ALA A 97 5.39 -11.21 9.39
N ILE A 98 4.20 -11.52 8.89
CA ILE A 98 4.10 -12.10 7.55
C ILE A 98 4.65 -11.14 6.52
N THR A 99 4.30 -9.85 6.61
CA THR A 99 4.79 -8.86 5.68
C THR A 99 6.34 -8.77 5.74
N GLN A 100 6.90 -8.76 6.94
CA GLN A 100 8.36 -8.72 7.05
C GLN A 100 8.98 -9.92 6.35
N GLN A 101 8.43 -11.10 6.61
CA GLN A 101 8.94 -12.32 5.98
C GLN A 101 8.77 -12.32 4.46
N MET A 102 7.69 -11.75 3.99
CA MET A 102 7.44 -11.67 2.53
C MET A 102 8.51 -10.80 1.90
N LEU A 103 8.77 -9.66 2.50
CA LEU A 103 9.80 -8.75 2.01
C LEU A 103 11.18 -9.33 2.09
N ASN A 104 11.47 -10.01 3.19
CA ASN A 104 12.74 -10.73 3.31
C ASN A 104 12.89 -11.74 2.18
N PHE A 105 11.84 -12.52 1.95
CA PHE A 105 11.92 -13.52 0.88
C PHE A 105 12.20 -12.86 -0.45
N ALA A 106 11.51 -11.75 -0.72
CA ALA A 106 11.70 -11.03 -1.96
C ALA A 106 13.01 -10.32 -2.11
N GLY A 107 13.78 -10.21 -1.02
CA GLY A 107 15.04 -9.52 -1.02
C GLY A 107 14.93 -8.01 -0.94
N LEU A 108 13.79 -7.49 -0.49
CA LEU A 108 13.49 -6.06 -0.50
C LEU A 108 13.60 -5.44 0.89
N GLN A 109 14.04 -6.20 1.87
CA GLN A 109 14.01 -5.75 3.27
C GLN A 109 14.81 -4.50 3.54
N ASP A 110 15.85 -4.20 2.78
CA ASP A 110 16.63 -3.00 3.04
C ASP A 110 15.91 -1.73 2.57
N LYS A 111 14.82 -1.87 1.84
CA LYS A 111 14.07 -0.72 1.30
C LYS A 111 12.87 -0.37 2.13
N VAL A 112 12.50 -1.25 3.08
CA VAL A 112 11.19 -1.13 3.75
C VAL A 112 11.38 -1.19 5.25
N THR A 113 10.58 -0.44 5.98
CA THR A 113 10.42 -0.54 7.40
C THR A 113 8.99 -0.89 7.69
N ILE A 114 8.76 -1.98 8.36
CA ILE A 114 7.43 -2.48 8.73
C ILE A 114 7.20 -2.08 10.17
N LEU A 115 6.23 -1.18 10.37
CA LEU A 115 5.92 -0.71 11.68
C LEU A 115 4.67 -1.41 12.16
N ASN A 116 4.79 -2.13 13.27
CA ASN A 116 3.67 -2.84 13.88
C ASN A 116 2.95 -1.94 14.88
N GLY A 117 1.78 -1.45 14.56
CA GLY A 117 0.99 -0.59 15.42
C GLY A 117 -0.16 -0.01 14.63
N ALA A 118 -1.04 0.69 15.31
CA ALA A 118 -2.17 1.38 14.69
C ALA A 118 -1.63 2.64 14.01
N SER A 119 -2.12 2.92 12.80
CA SER A 119 -1.68 4.10 12.05
C SER A 119 -1.89 5.38 12.86
N GLN A 120 -3.00 5.50 13.58
CA GLN A 120 -3.25 6.75 14.29
C GLN A 120 -2.28 6.97 15.44
N ASP A 121 -1.65 5.89 15.95
CA ASP A 121 -0.65 5.96 17.01
C ASP A 121 0.73 6.18 16.41
N LEU A 122 1.00 5.60 15.24
CA LEU A 122 2.34 5.67 14.62
C LEU A 122 2.56 6.96 13.83
N ILE A 123 1.55 7.48 13.16
CA ILE A 123 1.69 8.67 12.36
C ILE A 123 2.28 9.83 13.15
N PRO A 124 1.82 10.08 14.42
CA PRO A 124 2.41 11.20 15.18
C PRO A 124 3.86 10.99 15.59
N GLN A 125 4.40 9.80 15.43
CA GLN A 125 5.80 9.50 15.76
C GLN A 125 6.72 9.56 14.57
N LEU A 126 6.22 9.72 13.37
CA LEU A 126 7.10 9.67 12.19
C LEU A 126 8.19 10.71 12.19
N LYS A 127 7.86 11.95 12.52
CA LYS A 127 8.90 12.99 12.52
C LYS A 127 10.00 12.77 13.51
N LYS A 128 9.64 12.52 14.76
CA LYS A 128 10.64 12.51 15.82
C LYS A 128 11.31 11.14 15.86
N LYS A 129 10.55 10.07 15.83
CA LYS A 129 11.14 8.72 15.97
C LYS A 129 11.72 8.14 14.69
N TYR A 130 11.13 8.48 13.55
CA TYR A 130 11.53 7.90 12.26
C TYR A 130 12.23 8.90 11.33
N ASP A 131 12.48 10.10 11.87
CA ASP A 131 13.16 11.19 11.19
C ASP A 131 12.58 11.56 9.83
N VAL A 132 11.27 11.55 9.74
CA VAL A 132 10.58 11.90 8.51
C VAL A 132 10.41 13.41 8.49
N ASP A 133 10.62 14.02 7.33
CA ASP A 133 10.25 15.39 7.13
C ASP A 133 8.81 15.41 6.53
N THR A 134 8.70 15.22 5.22
CA THR A 134 7.40 15.03 4.60
C THR A 134 7.42 13.81 3.68
N LEU A 135 6.25 13.32 3.38
CA LEU A 135 6.05 12.16 2.55
C LEU A 135 5.88 12.55 1.11
N ASP A 136 6.44 11.77 0.19
CA ASP A 136 6.20 11.99 -1.24
C ASP A 136 4.93 11.32 -1.73
N MET A 137 4.57 10.19 -1.15
CA MET A 137 3.43 9.40 -1.55
C MET A 137 2.90 8.62 -0.37
N VAL A 138 1.59 8.43 -0.35
CA VAL A 138 0.89 7.64 0.65
C VAL A 138 -0.05 6.69 -0.06
N PHE A 139 0.05 5.40 0.23
CA PHE A 139 -0.88 4.39 -0.26
C PHE A 139 -1.81 3.99 0.87
N LEU A 140 -3.10 4.24 0.69
CA LEU A 140 -4.14 3.95 1.69
C LEU A 140 -4.85 2.66 1.34
N ASP A 141 -4.73 1.68 2.25
CA ASP A 141 -5.32 0.36 2.01
C ASP A 141 -5.66 -0.35 3.29
N HIS A 142 -5.99 0.40 4.34
CA HIS A 142 -6.33 -0.18 5.62
C HIS A 142 -7.85 -0.16 5.81
N TRP A 143 -8.33 -0.13 7.07
CA TRP A 143 -9.77 -0.16 7.24
C TRP A 143 -10.38 1.13 6.56
N LYS A 144 -11.45 0.97 5.84
CA LYS A 144 -11.88 2.04 4.95
C LYS A 144 -12.40 3.26 5.68
N ASP A 145 -12.87 3.09 6.91
CA ASP A 145 -13.27 4.21 7.75
C ASP A 145 -12.13 4.97 8.35
N ARG A 146 -10.89 4.51 8.11
CA ARG A 146 -9.73 5.20 8.59
CA ARG A 146 -9.72 5.21 8.63
C ARG A 146 -9.03 6.07 7.57
N TYR A 147 -9.44 5.99 6.31
CA TYR A 147 -8.79 6.78 5.26
C TYR A 147 -8.91 8.26 5.55
N LEU A 148 -10.12 8.74 5.86
CA LEU A 148 -10.31 10.17 6.11
C LEU A 148 -9.66 10.59 7.42
N PRO A 149 -9.92 9.89 8.56
CA PRO A 149 -9.25 10.32 9.78
C PRO A 149 -7.75 10.37 9.66
N ASP A 150 -7.14 9.40 8.99
CA ASP A 150 -5.70 9.39 8.86
C ASP A 150 -5.16 10.43 7.90
N THR A 151 -5.90 10.75 6.85
CA THR A 151 -5.51 11.84 5.96
C THR A 151 -5.46 13.15 6.72
N LEU A 152 -6.50 13.40 7.53
CA LEU A 152 -6.55 14.59 8.34
C LEU A 152 -5.45 14.63 9.37
N LEU A 153 -5.09 13.49 9.93
CA LEU A 153 -4.00 13.40 10.93
C LEU A 153 -2.64 13.65 10.26
N LEU A 154 -2.43 13.08 9.06
CA LEU A 154 -1.19 13.33 8.33
C LEU A 154 -1.00 14.82 8.10
N GLU A 155 -2.07 15.52 7.70
CA GLU A 155 -1.97 16.95 7.50
C GLU A 155 -1.64 17.66 8.82
N LYS A 156 -2.35 17.29 9.89
CA LYS A 156 -2.16 17.93 11.21
CA LYS A 156 -2.18 17.93 11.21
C LYS A 156 -0.71 17.83 11.61
N CYS A 157 -0.11 16.67 11.41
CA CYS A 157 1.25 16.36 11.82
C CYS A 157 2.34 16.95 10.92
N GLY A 158 1.94 17.66 9.88
CA GLY A 158 2.90 18.31 9.02
C GLY A 158 3.61 17.39 8.06
N LEU A 159 3.00 16.22 7.76
CA LEU A 159 3.67 15.19 6.97
C LEU A 159 3.39 15.29 5.47
N LEU A 160 2.44 16.14 5.09
CA LEU A 160 2.13 16.35 3.67
C LEU A 160 2.83 17.58 3.19
N ARG A 161 3.32 17.56 1.97
CA ARG A 161 3.85 18.74 1.31
C ARG A 161 3.03 19.03 0.08
N LYS A 162 3.15 20.24 -0.45
CA LYS A 162 2.62 20.49 -1.79
C LYS A 162 3.14 19.43 -2.72
N GLY A 163 2.27 18.74 -3.43
CA GLY A 163 2.60 17.70 -4.37
C GLY A 163 2.64 16.27 -3.79
N THR A 164 2.42 16.07 -2.49
CA THR A 164 2.31 14.72 -1.99
C THR A 164 1.19 13.99 -2.68
N VAL A 165 1.45 12.77 -3.15
CA VAL A 165 0.49 11.96 -3.88
C VAL A 165 -0.17 10.97 -2.93
N LEU A 166 -1.45 11.08 -2.68
CA LEU A 166 -2.23 10.03 -2.04
C LEU A 166 -2.79 9.11 -3.10
N LEU A 167 -2.68 7.82 -2.87
CA LEU A 167 -3.24 6.81 -3.75
C LEU A 167 -4.07 5.86 -2.89
N ALA A 168 -5.38 5.80 -3.12
CA ALA A 168 -6.29 5.09 -2.25
C ALA A 168 -6.91 3.89 -2.96
N ASP A 169 -6.77 2.73 -2.37
CA ASP A 169 -7.41 1.52 -2.86
C ASP A 169 -8.88 1.51 -2.51
N ASN A 170 -9.69 0.76 -3.28
CA ASN A 170 -11.04 0.36 -2.86
C ASN A 170 -12.00 1.51 -2.79
N VAL A 171 -11.85 2.51 -3.65
CA VAL A 171 -12.76 3.65 -3.58
C VAL A 171 -14.09 3.32 -4.18
N ILE A 172 -14.27 2.19 -4.84
CA ILE A 172 -15.58 1.71 -5.32
C ILE A 172 -16.08 0.56 -4.46
N VAL A 173 -15.26 -0.46 -4.24
CA VAL A 173 -15.62 -1.60 -3.42
CA VAL A 173 -15.62 -1.61 -3.42
C VAL A 173 -14.46 -1.96 -2.48
N PRO A 174 -14.68 -2.00 -1.16
CA PRO A 174 -15.92 -1.68 -0.44
C PRO A 174 -16.34 -0.26 -0.51
N GLY A 175 -15.47 0.65 -0.94
CA GLY A 175 -15.78 2.10 -0.89
C GLY A 175 -15.25 2.73 0.37
N THR A 176 -15.07 4.02 0.32
CA THR A 176 -14.62 4.84 1.42
C THR A 176 -15.32 6.20 1.29
N PRO A 177 -16.64 6.22 1.55
CA PRO A 177 -17.41 7.33 1.01
CA PRO A 177 -17.40 7.33 1.00
C PRO A 177 -17.02 8.68 1.60
N ASP A 178 -16.76 8.75 2.90
CA ASP A 178 -16.34 10.02 3.49
C ASP A 178 -15.02 10.55 2.91
N PHE A 179 -14.00 9.70 2.84
CA PHE A 179 -12.75 10.09 2.21
C PHE A 179 -12.96 10.57 0.79
N LEU A 180 -13.70 9.78 -0.01
CA LEU A 180 -13.76 10.11 -1.42
C LEU A 180 -14.48 11.44 -1.62
N ALA A 181 -15.61 11.64 -0.92
CA ALA A 181 -16.31 12.91 -1.00
C ALA A 181 -15.43 14.06 -0.54
N TYR A 182 -14.68 13.83 0.52
CA TYR A 182 -13.88 14.86 1.09
C TYR A 182 -12.79 15.30 0.09
N VAL A 183 -11.96 14.38 -0.42
CA VAL A 183 -10.90 14.80 -1.30
C VAL A 183 -11.46 15.40 -2.61
N ARG A 184 -12.51 14.83 -3.12
CA ARG A 184 -13.08 15.34 -4.36
C ARG A 184 -13.69 16.72 -4.19
N GLY A 185 -14.16 17.07 -3.00
CA GLY A 185 -14.74 18.36 -2.72
C GLY A 185 -13.76 19.43 -2.24
N SER A 186 -12.55 19.04 -1.90
CA SER A 186 -11.59 19.90 -1.27
C SER A 186 -10.68 20.60 -2.26
N SER A 187 -10.56 21.92 -2.16
CA SER A 187 -9.62 22.65 -2.97
CA SER A 187 -9.58 22.70 -2.90
C SER A 187 -8.17 22.31 -2.64
N SER A 188 -7.89 21.61 -1.57
CA SER A 188 -6.56 21.21 -1.24
C SER A 188 -6.13 19.89 -1.89
N PHE A 189 -6.98 19.28 -2.68
CA PHE A 189 -6.61 18.07 -3.44
C PHE A 189 -7.01 18.21 -4.90
N GLU A 190 -6.14 17.69 -5.76
CA GLU A 190 -6.47 17.46 -7.16
C GLU A 190 -6.61 15.97 -7.34
N CYS A 191 -7.77 15.49 -7.78
CA CYS A 191 -8.12 14.10 -7.80
C CYS A 191 -8.26 13.55 -9.21
N THR A 192 -7.84 12.29 -9.37
CA THR A 192 -8.00 11.55 -10.62
C THR A 192 -8.39 10.13 -10.29
N HIS A 193 -9.38 9.58 -10.98
CA HIS A 193 -9.87 8.24 -10.75
C HIS A 193 -9.37 7.28 -11.82
N TYR A 194 -8.86 6.11 -11.37
CA TYR A 194 -8.35 5.05 -12.22
C TYR A 194 -9.25 3.84 -12.04
N SER A 195 -10.15 3.61 -13.00
CA SER A 195 -11.08 2.49 -12.91
C SER A 195 -10.34 1.19 -13.16
N SER A 196 -10.67 0.15 -12.41
CA SER A 196 -10.05 -1.15 -12.53
C SER A 196 -11.03 -2.22 -12.04
N TYR A 197 -10.43 -3.27 -11.44
CA TYR A 197 -11.19 -4.41 -10.98
C TYR A 197 -10.72 -4.84 -9.63
N LEU A 198 -11.69 -5.20 -8.80
CA LEU A 198 -11.41 -5.85 -7.52
C LEU A 198 -10.44 -7.00 -7.72
N GLU A 199 -9.46 -7.15 -6.85
CA GLU A 199 -8.52 -8.24 -6.92
C GLU A 199 -9.20 -9.57 -7.11
N TYR A 200 -8.77 -10.28 -8.16
CA TYR A 200 -9.14 -11.66 -8.42
C TYR A 200 -10.62 -11.80 -8.76
N MET A 201 -11.30 -10.73 -9.14
CA MET A 201 -12.74 -10.75 -9.38
C MET A 201 -13.11 -9.89 -10.56
N LYS A 202 -14.19 -10.23 -11.21
CA LYS A 202 -14.75 -9.44 -12.30
C LYS A 202 -15.79 -8.46 -11.76
N VAL A 203 -15.36 -7.62 -10.86
CA VAL A 203 -16.15 -6.59 -10.19
C VAL A 203 -15.38 -5.29 -10.33
N VAL A 204 -16.02 -4.25 -10.77
CA VAL A 204 -15.34 -2.96 -10.90
C VAL A 204 -14.90 -2.43 -9.56
N ASP A 205 -13.66 -1.96 -9.51
CA ASP A 205 -13.13 -1.18 -8.37
C ASP A 205 -12.34 -0.05 -8.95
N GLY A 206 -11.65 0.71 -8.15
CA GLY A 206 -10.79 1.78 -8.65
C GLY A 206 -9.87 2.30 -7.61
N LEU A 207 -8.83 2.97 -8.08
CA LEU A 207 -7.92 3.74 -7.25
C LEU A 207 -8.24 5.21 -7.44
N GLU A 208 -8.14 5.98 -6.36
CA GLU A 208 -8.17 7.44 -6.44
C GLU A 208 -6.81 8.01 -6.16
N LYS A 209 -6.29 8.85 -7.05
CA LYS A 209 -5.09 9.64 -6.81
C LYS A 209 -5.56 10.99 -6.36
N ALA A 210 -5.07 11.48 -5.24
CA ALA A 210 -5.42 12.78 -4.65
C ALA A 210 -4.12 13.49 -4.32
N ILE A 211 -3.76 14.52 -5.10
CA ILE A 211 -2.51 15.21 -4.92
C ILE A 211 -2.73 16.42 -4.03
N TYR A 212 -2.02 16.48 -2.91
CA TYR A 212 -2.20 17.56 -1.95
C TYR A 212 -1.63 18.86 -2.52
N GLN A 213 -2.38 19.94 -2.35
CA GLN A 213 -2.05 21.24 -2.92
C GLN A 213 -1.50 22.20 -1.89
N GLY A 214 -1.38 21.78 -0.64
CA GLY A 214 -0.98 22.72 0.42
C GLY A 214 -2.22 23.22 1.12
N PRO A 215 -2.08 23.98 2.21
CA PRO A 215 -3.23 24.68 2.91
C PRO A 215 -3.85 25.74 1.99
MG MG B . -7.52 -3.03 -0.73
CL CL C . -1.84 -5.77 -0.65
CL CL D . -6.34 -9.21 -10.15
CL CL E . -7.45 1.05 16.01
S SO4 F . 19.44 1.00 -1.90
O1 SO4 F . 19.40 0.11 -0.71
O2 SO4 F . 18.07 1.47 -2.12
O3 SO4 F . 20.34 2.18 -1.68
O4 SO4 F . 19.92 0.25 -3.09
S SO4 G . -8.56 -18.71 8.52
O1 SO4 G . -7.93 -20.08 8.25
O2 SO4 G . -8.87 -18.77 10.01
O3 SO4 G . -7.77 -17.50 8.10
O4 SO4 G . -9.76 -18.59 7.67
O14 LU1 H . -11.22 -4.35 4.16
C6 LU1 H . -10.31 -4.27 3.35
C2 LU1 H . -10.46 -4.65 1.91
C3 LU1 H . -9.51 -4.37 0.92
O20 LU1 H . -8.39 -3.66 1.12
C9 LU1 H . -9.76 -4.82 -0.39
O21 LU1 H . -8.84 -4.54 -1.33
C10 LU1 H . -10.92 -5.51 -0.67
C4 LU1 H . -11.62 -5.35 1.60
C7 LU1 H . -11.90 -5.79 0.32
C13 LU1 H . -13.14 -6.55 -0.01
C17 LU1 H . -13.79 -6.30 -1.22
C24 LU1 H . -14.96 -7.01 -1.53
C18 LU1 H . -13.68 -7.48 0.87
C25 LU1 H . -14.81 -8.18 0.58
C23 LU1 H . -15.44 -7.95 -0.64
F26 LU1 H . -16.54 -8.62 -0.94
N16 LU1 H . -9.12 -3.86 3.74
C27 LU1 H . -8.84 -3.59 5.16
C19 LU1 H . -7.36 -3.72 5.37
C15 LU1 H . -6.79 -4.35 6.35
C12 LU1 H . -5.31 -4.44 6.57
C11 LU1 H . -4.97 -5.52 7.58
C8 LU1 H . -5.18 -4.74 8.88
O22 LU1 H . -4.61 -5.35 10.02
C1 LU1 H . -4.52 -3.41 8.50
O5 LU1 H . -4.80 -3.20 7.12
N28 LU1 H . -5.04 -2.26 9.26
C29 LU1 H . -4.31 -1.29 9.86
C30 LU1 H . -5.27 -0.36 10.34
N31 LU1 H . -6.52 -0.74 9.96
C32 LU1 H . -6.37 -1.86 9.30
N33 LU1 H . -2.99 -1.21 10.08
C36 LU1 H . -2.63 -0.12 10.75
N35 LU1 H . -3.46 0.79 11.29
C34 LU1 H . -4.79 0.67 11.11
C37 LU1 H . -5.70 1.64 11.76
S1 DTD I . -6.98 19.35 3.25
C1 DTD I . -6.73 20.88 4.08
C2 DTD I . -6.86 20.76 5.60
O2 DTD I . -6.40 21.93 6.26
C3 DTD I . -6.46 19.59 6.45
O3 DTD I . -7.29 19.54 7.61
C4 DTD I . -6.76 18.30 5.75
S4 DTD I . -5.91 18.02 4.27
C3' NHE J . -14.62 -11.86 -1.99
C3' NHE J . -14.77 -11.72 -2.24
C2' NHE J . -14.22 -13.33 -1.97
C2' NHE J . -14.52 -13.16 -1.85
C1' NHE J . -15.38 -14.26 -2.16
C1' NHE J . -15.88 -13.81 -1.72
C6' NHE J . -16.24 -13.87 -3.30
C6' NHE J . -16.46 -13.92 -3.10
N NHE J . -15.07 -15.69 -2.39
N NHE J . -15.67 -15.07 -1.10
C1 NHE J . -14.06 -16.37 -1.66
C1 NHE J . -14.56 -15.76 -1.63
C2 NHE J . -14.14 -17.84 -1.46
C2 NHE J . -14.22 -17.06 -0.98
S NHE J . -12.75 -18.61 -1.05
S NHE J . -12.96 -17.32 -1.98
O1 NHE J . -11.72 -18.25 -2.04
O1 NHE J . -13.07 -16.49 -3.21
O2 NHE J . -12.94 -20.04 -1.18
O2 NHE J . -13.26 -18.71 -2.34
O3 NHE J . -12.43 -18.07 0.33
O3 NHE J . -11.71 -17.13 -1.18
C5' NHE J . -16.70 -12.45 -3.22
C5' NHE J . -16.78 -12.51 -3.55
C4' NHE J . -15.56 -11.56 -3.12
C4' NHE J . -15.51 -11.67 -3.57
#